data_7E4N
#
_entry.id   7E4N
#
_cell.length_a   89.017
_cell.length_b   89.017
_cell.length_c   68.674
_cell.angle_alpha   90.000
_cell.angle_beta   90.000
_cell.angle_gamma   90.000
#
_symmetry.space_group_name_H-M   'P 42 21 2'
#
loop_
_entity.id
_entity.type
_entity.pdbx_description
1 polymer Sat1646
2 non-polymer 'MAGNESIUM ION'
3 water water
#
_entity_poly.entity_id   1
_entity_poly.type   'polypeptide(L)'
_entity_poly.pdbx_seq_one_letter_code
;SNAMVPTHHAGNGFAVASEQGRICALAARGQRDLRQCVRAYPSLFPNPPVDDTMLSALALSTAFIAPWCSAEQLRVANRA
SLWVTAEDWQVDRVATSDDAVRSIVSACQAVADGAAPDVDCALGQLLAEIRDELATGAGFTEWQPVWREEVRRMLTADIR
EWEWRHSARPPSFAEYLDNADNYGASFVNVSHWIVTGDAQTRSHLPELIAASREVQRILRLSNDLASYERDIRSGDLNAL
LLVDREEVSRQLRDRIRACQDHLHALEVTCPREALYLAREAGFTTGFYHGADYWGDSER
;
_entity_poly.pdbx_strand_id   A
#
loop_
_chem_comp.id
_chem_comp.type
_chem_comp.name
_chem_comp.formula
MG non-polymer 'MAGNESIUM ION' 'Mg 2'
#
# COMPACT_ATOMS: atom_id res chain seq x y z
N ASN A 2 -15.61 -6.11 -37.98
CA ASN A 2 -16.10 -6.90 -36.92
C ASN A 2 -15.77 -8.40 -37.00
N ALA A 3 -15.48 -8.94 -38.17
CA ALA A 3 -15.14 -10.37 -38.25
C ALA A 3 -13.78 -10.78 -37.62
N MET A 4 -12.90 -9.80 -37.40
CA MET A 4 -11.62 -10.02 -36.75
C MET A 4 -11.84 -10.16 -35.23
N VAL A 5 -12.94 -9.65 -34.72
CA VAL A 5 -13.35 -9.76 -33.34
C VAL A 5 -13.92 -11.15 -33.22
N PRO A 6 -13.40 -11.98 -32.30
CA PRO A 6 -13.85 -13.37 -32.12
C PRO A 6 -15.35 -13.50 -31.90
N THR A 7 -15.90 -14.60 -32.42
CA THR A 7 -17.30 -14.92 -32.21
C THR A 7 -17.52 -15.62 -30.88
N HIS A 8 -16.52 -16.33 -30.37
CA HIS A 8 -16.69 -17.21 -29.23
C HIS A 8 -15.94 -16.66 -28.02
N HIS A 9 -16.66 -16.52 -26.91
CA HIS A 9 -16.15 -15.95 -25.68
C HIS A 9 -16.49 -16.74 -24.44
N ALA A 10 -17.44 -17.68 -24.52
CA ALA A 10 -17.87 -18.44 -23.36
C ALA A 10 -16.74 -19.28 -22.77
N GLY A 11 -15.90 -19.86 -23.62
CA GLY A 11 -14.81 -20.69 -23.12
C GLY A 11 -13.80 -19.91 -22.31
N ASN A 12 -13.32 -18.79 -22.86
CA ASN A 12 -12.46 -17.94 -22.05
C ASN A 12 -13.25 -17.32 -20.89
N GLY A 13 -14.52 -17.04 -21.09
CA GLY A 13 -15.36 -16.51 -20.03
C GLY A 13 -15.35 -17.41 -18.82
N PHE A 14 -15.57 -18.72 -19.03
CA PHE A 14 -15.55 -19.69 -17.93
C PHE A 14 -14.21 -19.65 -17.19
N ALA A 15 -13.10 -19.62 -17.95
CA ALA A 15 -11.79 -19.80 -17.34
C ALA A 15 -11.41 -18.60 -16.50
N VAL A 16 -11.69 -17.40 -17.01
CA VAL A 16 -11.42 -16.18 -16.28
C VAL A 16 -12.32 -16.09 -15.05
N ALA A 17 -13.59 -16.45 -15.20
CA ALA A 17 -14.49 -16.33 -14.06
C ALA A 17 -14.11 -17.33 -12.99
N SER A 18 -13.59 -18.50 -13.38
CA SER A 18 -13.18 -19.50 -12.41
C SER A 18 -12.00 -19.01 -11.58
N GLU A 19 -11.04 -18.34 -12.22
CA GLU A 19 -9.94 -17.78 -11.44
C GLU A 19 -10.41 -16.64 -10.56
N GLN A 20 -11.32 -15.81 -11.06
CA GLN A 20 -11.85 -14.73 -10.23
C GLN A 20 -12.57 -15.31 -9.00
N GLY A 21 -13.26 -16.43 -9.18
CA GLY A 21 -13.95 -17.05 -8.07
C GLY A 21 -12.99 -17.67 -7.07
N ARG A 22 -11.94 -18.31 -7.56
CA ARG A 22 -10.94 -18.84 -6.63
C ARG A 22 -10.28 -17.73 -5.84
N ILE A 23 -10.01 -16.57 -6.47
CA ILE A 23 -9.36 -15.48 -5.74
C ILE A 23 -10.32 -14.86 -4.71
N CYS A 24 -11.62 -14.81 -5.02
CA CYS A 24 -12.56 -14.29 -4.04
C CYS A 24 -12.62 -15.17 -2.79
N ALA A 25 -12.56 -16.50 -2.95
CA ALA A 25 -12.44 -17.38 -1.80
C ALA A 25 -11.10 -17.19 -1.08
N LEU A 26 -10.00 -17.03 -1.84
CA LEU A 26 -8.73 -16.69 -1.21
C LEU A 26 -8.83 -15.43 -0.36
N ALA A 27 -9.50 -14.39 -0.89
CA ALA A 27 -9.64 -13.15 -0.16
C ALA A 27 -10.41 -13.34 1.14
N ALA A 28 -11.49 -14.14 1.08
CA ALA A 28 -12.28 -14.45 2.27
C ALA A 28 -11.43 -15.14 3.33
N ARG A 29 -10.51 -16.02 2.92
CA ARG A 29 -9.60 -16.64 3.88
C ARG A 29 -8.64 -15.61 4.47
N GLY A 30 -8.19 -14.65 3.68
CA GLY A 30 -7.31 -13.63 4.20
C GLY A 30 -8.00 -12.70 5.16
N GLN A 31 -9.31 -12.49 4.97
CA GLN A 31 -10.03 -11.59 5.86
C GLN A 31 -9.97 -12.03 7.32
N ARG A 32 -9.77 -13.33 7.55
CA ARG A 32 -9.73 -13.86 8.91
C ARG A 32 -8.55 -13.30 9.70
N ASP A 33 -7.38 -13.16 9.08
CA ASP A 33 -6.26 -12.56 9.82
C ASP A 33 -6.46 -11.06 10.05
N LEU A 34 -7.10 -10.37 9.10
CA LEU A 34 -7.43 -8.97 9.31
C LEU A 34 -8.31 -8.79 10.54
N ARG A 35 -9.32 -9.65 10.69
CA ARG A 35 -10.17 -9.57 11.88
C ARG A 35 -9.35 -9.81 13.14
N GLN A 36 -8.48 -10.83 13.13
CA GLN A 36 -7.64 -11.11 14.28
C GLN A 36 -6.85 -9.89 14.69
N CYS A 37 -6.40 -9.12 13.72
CA CYS A 37 -5.53 -7.99 13.97
C CYS A 37 -6.33 -6.80 14.53
N VAL A 38 -7.45 -6.46 13.89
CA VAL A 38 -8.33 -5.41 14.41
C VAL A 38 -8.71 -5.71 15.85
N ARG A 39 -8.83 -6.99 16.19
CA ARG A 39 -9.29 -7.40 17.50
C ARG A 39 -8.24 -7.16 18.57
N ALA A 40 -7.00 -7.60 18.30
CA ALA A 40 -5.92 -7.42 19.25
C ALA A 40 -5.65 -5.94 19.53
N TYR A 41 -6.05 -5.03 18.64
CA TYR A 41 -5.76 -3.61 18.79
C TYR A 41 -6.96 -2.77 18.40
N PRO A 42 -8.12 -3.01 19.04
CA PRO A 42 -9.32 -2.27 18.65
C PRO A 42 -9.19 -0.78 18.82
N SER A 43 -8.25 -0.31 19.66
CA SER A 43 -8.08 1.13 19.81
C SER A 43 -7.56 1.79 18.55
N LEU A 44 -6.91 1.02 17.67
CA LEU A 44 -6.42 1.57 16.42
C LEU A 44 -7.47 1.57 15.31
N PHE A 45 -8.53 0.79 15.47
CA PHE A 45 -9.44 0.49 14.37
C PHE A 45 -10.87 0.79 14.78
N PRO A 46 -11.24 2.07 14.86
CA PRO A 46 -12.61 2.43 15.20
C PRO A 46 -13.57 1.93 14.11
N ASN A 47 -14.81 1.76 14.54
CA ASN A 47 -15.90 1.23 13.71
C ASN A 47 -16.41 2.16 12.63
N PRO A 48 -16.58 3.46 12.95
CA PRO A 48 -17.05 4.41 11.95
C PRO A 48 -16.22 4.35 10.67
N PRO A 49 -14.91 3.98 10.72
CA PRO A 49 -14.22 3.65 9.45
C PRO A 49 -14.01 2.17 9.17
N VAL A 50 -13.53 1.41 10.16
CA VAL A 50 -13.07 0.05 9.95
C VAL A 50 -14.24 -0.89 10.26
N ASP A 51 -14.94 -1.32 9.22
CA ASP A 51 -15.94 -2.37 9.31
C ASP A 51 -15.55 -3.52 8.38
N ASP A 52 -16.35 -4.60 8.37
CA ASP A 52 -16.00 -5.72 7.52
C ASP A 52 -16.08 -5.35 6.03
N THR A 53 -16.85 -4.33 5.67
CA THR A 53 -16.79 -3.81 4.31
C THR A 53 -15.37 -3.36 3.96
N MET A 54 -14.77 -2.55 4.83
CA MET A 54 -13.41 -2.08 4.58
C MET A 54 -12.43 -3.25 4.60
N LEU A 55 -12.54 -4.13 5.59
CA LEU A 55 -11.68 -5.30 5.65
C LEU A 55 -11.85 -6.17 4.40
N SER A 56 -13.07 -6.25 3.86
CA SER A 56 -13.28 -7.06 2.66
C SER A 56 -12.55 -6.46 1.47
N ALA A 57 -12.69 -5.15 1.28
CA ALA A 57 -11.99 -4.48 0.19
C ALA A 57 -10.49 -4.66 0.31
N LEU A 58 -9.96 -4.58 1.53
CA LEU A 58 -8.53 -4.77 1.73
C LEU A 58 -8.11 -6.17 1.34
N ALA A 59 -8.81 -7.19 1.85
CA ALA A 59 -8.46 -8.57 1.54
C ALA A 59 -8.63 -8.91 0.06
N LEU A 60 -9.63 -8.33 -0.59
CA LEU A 60 -9.78 -8.55 -2.02
C LEU A 60 -8.59 -7.99 -2.80
N SER A 61 -8.10 -6.83 -2.38
CA SER A 61 -6.98 -6.22 -3.09
C SER A 61 -5.72 -7.06 -2.97
N THR A 62 -5.37 -7.51 -1.75
CA THR A 62 -4.12 -8.25 -1.61
C THR A 62 -4.20 -9.62 -2.27
N ALA A 63 -5.38 -10.25 -2.23
CA ALA A 63 -5.55 -11.54 -2.91
C ALA A 63 -5.46 -11.38 -4.43
N PHE A 64 -6.09 -10.34 -4.99
CA PHE A 64 -6.06 -10.15 -6.42
C PHE A 64 -4.73 -9.59 -6.89
N ILE A 65 -3.97 -8.95 -6.00
CA ILE A 65 -2.65 -8.48 -6.39
C ILE A 65 -1.66 -9.64 -6.45
N ALA A 66 -1.72 -10.59 -5.50
CA ALA A 66 -0.81 -11.75 -5.50
C ALA A 66 -1.61 -13.04 -5.35
N PRO A 67 -2.33 -13.45 -6.40
CA PRO A 67 -3.20 -14.63 -6.30
C PRO A 67 -2.49 -15.96 -6.23
N TRP A 68 -1.17 -15.99 -6.48
CA TRP A 68 -0.39 -17.19 -6.29
C TRP A 68 -0.03 -17.47 -4.84
N CYS A 69 -0.34 -16.56 -3.93
CA CYS A 69 -0.06 -16.74 -2.51
C CYS A 69 -1.24 -17.41 -1.81
N SER A 70 -0.93 -18.21 -0.79
CA SER A 70 -1.95 -18.63 0.14
C SER A 70 -2.30 -17.49 1.08
N ALA A 71 -3.43 -17.66 1.79
CA ALA A 71 -3.82 -16.68 2.79
C ALA A 71 -2.72 -16.50 3.83
N GLU A 72 -2.05 -17.60 4.21
CA GLU A 72 -0.95 -17.51 5.17
C GLU A 72 0.21 -16.69 4.60
N GLN A 73 0.50 -16.86 3.32
CA GLN A 73 1.56 -16.04 2.72
C GLN A 73 1.16 -14.57 2.59
N LEU A 74 -0.12 -14.26 2.56
CA LEU A 74 -0.59 -12.89 2.47
C LEU A 74 -0.75 -12.24 3.83
N ARG A 75 -0.52 -12.98 4.92
CA ARG A 75 -0.69 -12.44 6.26
C ARG A 75 0.04 -11.12 6.42
N VAL A 76 1.31 -11.07 6.02
CA VAL A 76 2.13 -9.87 6.26
C VAL A 76 1.60 -8.68 5.47
N ALA A 77 1.45 -8.85 4.15
CA ALA A 77 0.90 -7.79 3.31
C ALA A 77 -0.40 -7.23 3.88
N ASN A 78 -1.27 -8.11 4.38
CA ASN A 78 -2.53 -7.64 4.95
C ASN A 78 -2.31 -6.86 6.24
N ARG A 79 -1.48 -7.38 7.17
CA ARG A 79 -1.31 -6.68 8.45
C ARG A 79 -0.52 -5.38 8.27
N ALA A 80 0.49 -5.37 7.39
CA ALA A 80 1.16 -4.11 7.04
C ALA A 80 0.20 -3.10 6.44
N SER A 81 -0.70 -3.53 5.54
CA SER A 81 -1.69 -2.60 5.01
C SER A 81 -2.56 -2.02 6.10
N LEU A 82 -3.05 -2.89 7.00
CA LEU A 82 -3.84 -2.43 8.14
C LEU A 82 -3.04 -1.45 8.98
N TRP A 83 -1.75 -1.76 9.20
CA TRP A 83 -0.93 -0.89 10.04
C TRP A 83 -0.83 0.50 9.43
N VAL A 84 -0.73 0.58 8.10
CA VAL A 84 -0.70 1.90 7.47
C VAL A 84 -1.97 2.68 7.76
N THR A 85 -3.14 2.02 7.69
CA THR A 85 -4.37 2.75 7.95
C THR A 85 -4.50 3.08 9.44
N ALA A 86 -3.95 2.25 10.34
CA ALA A 86 -3.96 2.62 11.75
C ALA A 86 -3.06 3.83 11.99
N GLU A 87 -1.89 3.84 11.35
CA GLU A 87 -0.95 4.94 11.52
C GLU A 87 -1.50 6.25 10.92
N ASP A 88 -2.12 6.16 9.74
CA ASP A 88 -2.78 7.32 9.13
C ASP A 88 -3.78 7.95 10.10
N TRP A 89 -4.61 7.10 10.71
CA TRP A 89 -5.65 7.57 11.62
C TRP A 89 -5.04 8.24 12.85
N GLN A 90 -4.03 7.61 13.46
CA GLN A 90 -3.40 8.23 14.62
C GLN A 90 -2.80 9.58 14.27
N VAL A 91 -2.40 9.78 13.03
CA VAL A 91 -1.76 11.03 12.61
C VAL A 91 -2.79 12.06 12.15
N ASP A 92 -3.66 11.69 11.24
CA ASP A 92 -4.67 12.59 10.73
C ASP A 92 -5.70 12.94 11.78
N ARG A 93 -6.27 11.95 12.45
CA ARG A 93 -7.32 12.24 13.44
C ARG A 93 -6.93 12.44 14.91
N VAL A 94 -6.13 11.53 15.45
CA VAL A 94 -5.76 11.57 16.83
C VAL A 94 -4.78 12.69 17.15
N ALA A 95 -3.68 12.80 16.45
CA ALA A 95 -2.72 13.85 16.74
C ALA A 95 -3.32 15.23 16.61
N THR A 96 -2.94 16.12 17.51
CA THR A 96 -3.47 17.47 17.54
C THR A 96 -2.38 18.49 17.66
N SER A 97 -1.15 18.04 17.57
CA SER A 97 -0.04 18.94 17.80
C SER A 97 1.12 18.59 16.88
N ASP A 98 1.93 19.59 16.58
CA ASP A 98 3.20 19.33 15.92
C ASP A 98 4.04 18.34 16.74
N ASP A 99 3.96 18.45 18.06
CA ASP A 99 4.71 17.55 18.93
C ASP A 99 4.12 16.14 18.94
N ALA A 100 2.79 16.04 18.95
CA ALA A 100 2.15 14.73 18.96
C ALA A 100 2.57 13.90 17.77
N VAL A 101 2.55 14.50 16.57
CA VAL A 101 2.87 13.76 15.35
C VAL A 101 4.30 13.24 15.40
N ARG A 102 5.23 14.05 15.89
CA ARG A 102 6.64 13.67 15.84
C ARG A 102 6.98 12.59 16.86
N SER A 103 6.28 12.56 18.00
CA SER A 103 6.53 11.49 18.95
C SER A 103 5.99 10.15 18.43
N ILE A 104 4.87 10.19 17.71
CA ILE A 104 4.38 8.99 17.04
C ILE A 104 5.44 8.47 16.08
N VAL A 105 5.96 9.37 15.23
CA VAL A 105 6.96 9.00 14.24
C VAL A 105 8.19 8.42 14.91
N SER A 106 8.71 9.16 15.90
CA SER A 106 9.89 8.70 16.61
C SER A 106 9.64 7.33 17.26
N ALA A 107 8.48 7.14 17.87
CA ALA A 107 8.21 5.86 18.54
C ALA A 107 8.14 4.71 17.53
N CYS A 108 7.52 4.94 16.37
CA CYS A 108 7.46 3.89 15.36
C CYS A 108 8.84 3.58 14.80
N GLN A 109 9.61 4.62 14.47
CA GLN A 109 10.96 4.37 13.97
C GLN A 109 11.76 3.54 14.97
N ALA A 110 11.60 3.84 16.26
CA ALA A 110 12.33 3.12 17.29
C ALA A 110 11.97 1.64 17.29
N VAL A 111 10.67 1.33 17.21
CA VAL A 111 10.24 -0.06 17.13
C VAL A 111 10.76 -0.71 15.85
N ALA A 112 10.66 0.01 14.73
CA ALA A 112 11.15 -0.57 13.47
C ALA A 112 12.62 -0.92 13.57
N ASP A 113 13.39 -0.10 14.30
CA ASP A 113 14.80 -0.34 14.50
C ASP A 113 15.09 -1.38 15.58
N GLY A 114 14.06 -1.98 16.17
CA GLY A 114 14.25 -3.10 17.08
C GLY A 114 13.90 -2.83 18.53
N ALA A 115 13.68 -1.57 18.89
CA ALA A 115 13.27 -1.26 20.26
C ALA A 115 11.96 -1.96 20.61
N ALA A 116 11.77 -2.22 21.91
CA ALA A 116 10.51 -2.72 22.39
C ALA A 116 9.46 -1.61 22.34
N PRO A 117 8.22 -1.92 21.96
CA PRO A 117 7.18 -0.88 21.99
C PRO A 117 6.84 -0.52 23.43
N ASP A 118 6.40 0.72 23.61
CA ASP A 118 5.90 1.11 24.92
C ASP A 118 4.57 0.43 25.19
N VAL A 119 4.32 0.07 26.46
CA VAL A 119 3.14 -0.70 26.79
C VAL A 119 1.86 0.08 26.53
N ASP A 120 1.91 1.41 26.54
CA ASP A 120 0.75 2.24 26.26
C ASP A 120 0.58 2.54 24.78
N CYS A 121 1.39 1.95 23.90
CA CYS A 121 1.42 2.36 22.51
C CYS A 121 0.95 1.19 21.66
N ALA A 122 -0.34 1.23 21.27
CA ALA A 122 -0.90 0.15 20.47
C ALA A 122 -0.32 0.15 19.06
N LEU A 123 -0.19 1.34 18.48
CA LEU A 123 0.43 1.45 17.16
C LEU A 123 1.80 0.80 17.15
N GLY A 124 2.63 1.12 18.15
CA GLY A 124 3.96 0.52 18.23
C GLY A 124 3.95 -0.98 18.47
N GLN A 125 2.97 -1.46 19.25
CA GLN A 125 2.88 -2.90 19.48
C GLN A 125 2.53 -3.66 18.20
N LEU A 126 1.63 -3.12 17.38
CA LEU A 126 1.31 -3.79 16.12
C LEU A 126 2.50 -3.81 15.17
N LEU A 127 3.23 -2.69 15.09
CA LEU A 127 4.44 -2.66 14.26
C LEU A 127 5.45 -3.69 14.73
N ALA A 128 5.66 -3.76 16.06
CA ALA A 128 6.60 -4.74 16.61
C ALA A 128 6.18 -6.15 16.25
N GLU A 129 4.87 -6.41 16.21
CA GLU A 129 4.40 -7.73 15.80
C GLU A 129 4.72 -8.00 14.34
N ILE A 130 4.56 -6.99 13.49
CA ILE A 130 4.87 -7.18 12.08
C ILE A 130 6.37 -7.40 11.89
N ARG A 131 7.17 -6.57 12.56
CA ARG A 131 8.63 -6.70 12.49
C ARG A 131 9.09 -8.09 12.87
N ASP A 132 8.51 -8.64 13.95
CA ASP A 132 8.88 -9.98 14.42
C ASP A 132 8.39 -11.06 13.47
N GLU A 133 7.27 -10.81 12.79
CA GLU A 133 6.82 -11.72 11.74
C GLU A 133 7.80 -11.73 10.56
N LEU A 134 8.34 -10.55 10.20
CA LEU A 134 9.37 -10.47 9.17
C LEU A 134 10.62 -11.21 9.58
N ALA A 135 11.06 -11.02 10.84
CA ALA A 135 12.27 -11.67 11.34
C ALA A 135 12.14 -13.19 11.25
N THR A 136 11.01 -13.73 11.67
CA THR A 136 10.83 -15.17 11.58
C THR A 136 10.57 -15.65 10.15
N GLY A 137 9.92 -14.84 9.33
CA GLY A 137 9.53 -15.28 8.00
C GLY A 137 10.44 -14.91 6.85
N ALA A 138 11.54 -14.21 7.11
CA ALA A 138 12.31 -13.62 6.03
C ALA A 138 12.89 -14.70 5.13
N GLY A 139 12.79 -14.48 3.83
CA GLY A 139 13.39 -15.37 2.87
C GLY A 139 14.84 -15.07 2.57
N PHE A 140 15.40 -14.06 3.22
CA PHE A 140 16.78 -13.67 3.00
C PHE A 140 17.24 -12.79 4.16
N THR A 141 18.55 -12.77 4.37
CA THR A 141 19.13 -12.01 5.46
C THR A 141 19.34 -10.56 5.03
N GLU A 142 19.66 -9.72 6.02
CA GLU A 142 19.88 -8.30 5.78
C GLU A 142 18.66 -7.64 5.15
N TRP A 143 17.47 -8.02 5.62
CA TRP A 143 16.24 -7.33 5.23
C TRP A 143 16.01 -6.09 6.08
N GLN A 144 16.53 -6.07 7.31
CA GLN A 144 16.25 -5.00 8.26
C GLN A 144 16.57 -3.60 7.74
N PRO A 145 17.76 -3.34 7.17
CA PRO A 145 18.03 -1.98 6.68
C PRO A 145 17.04 -1.50 5.62
N VAL A 146 16.63 -2.41 4.74
CA VAL A 146 15.68 -2.07 3.69
C VAL A 146 14.32 -1.72 4.29
N TRP A 147 13.83 -2.56 5.21
CA TRP A 147 12.51 -2.34 5.79
C TRP A 147 12.50 -1.07 6.63
N ARG A 148 13.50 -0.88 7.48
CA ARG A 148 13.58 0.34 8.28
C ARG A 148 13.62 1.58 7.40
N GLU A 149 14.25 1.49 6.24
CA GLU A 149 14.28 2.64 5.34
C GLU A 149 12.89 2.96 4.80
N GLU A 150 12.10 1.95 4.45
CA GLU A 150 10.75 2.22 3.99
C GLU A 150 9.91 2.78 5.12
N VAL A 151 10.07 2.25 6.34
CA VAL A 151 9.40 2.88 7.48
C VAL A 151 9.79 4.35 7.56
N ARG A 152 11.10 4.64 7.52
CA ARG A 152 11.53 6.03 7.66
C ARG A 152 10.95 6.90 6.56
N ARG A 153 11.00 6.42 5.31
CA ARG A 153 10.47 7.24 4.22
C ARG A 153 9.01 7.54 4.40
N MET A 154 8.21 6.51 4.75
CA MET A 154 6.78 6.72 4.92
C MET A 154 6.50 7.70 6.06
N LEU A 155 7.15 7.51 7.21
CA LEU A 155 6.89 8.37 8.36
C LEU A 155 7.33 9.81 8.07
N THR A 156 8.48 9.96 7.43
CA THR A 156 8.93 11.31 7.07
C THR A 156 7.93 12.00 6.16
N ALA A 157 7.38 11.28 5.19
CA ALA A 157 6.40 11.88 4.30
C ALA A 157 5.11 12.21 5.04
N ASP A 158 4.71 11.39 6.02
CA ASP A 158 3.55 11.74 6.83
C ASP A 158 3.77 13.05 7.55
N ILE A 159 4.99 13.27 8.02
CA ILE A 159 5.32 14.55 8.66
C ILE A 159 5.12 15.68 7.68
N ARG A 160 5.68 15.55 6.47
CA ARG A 160 5.60 16.62 5.48
C ARG A 160 4.16 16.93 5.10
N GLU A 161 3.32 15.89 4.99
CA GLU A 161 1.92 16.16 4.67
C GLU A 161 1.20 16.83 5.84
N TRP A 162 1.52 16.46 7.08
CA TRP A 162 0.92 17.16 8.22
C TRP A 162 1.34 18.63 8.22
N GLU A 163 2.58 18.91 7.86
CA GLU A 163 3.02 20.29 7.80
C GLU A 163 2.29 21.06 6.69
N TRP A 164 2.11 20.44 5.52
CA TRP A 164 1.42 21.12 4.42
C TRP A 164 -0.01 21.50 4.79
N ARG A 165 -0.72 20.61 5.49
CA ARG A 165 -2.08 20.94 5.88
C ARG A 165 -2.14 22.13 6.82
N HIS A 166 -1.03 22.44 7.50
CA HIS A 166 -0.93 23.55 8.44
C HIS A 166 0.09 24.59 7.98
N SER A 167 0.22 24.80 6.67
CA SER A 167 1.23 25.70 6.16
C SER A 167 0.61 26.78 5.29
N ALA A 168 1.36 27.86 5.12
CA ALA A 168 0.84 29.05 4.45
C ALA A 168 0.69 28.84 2.96
N ARG A 169 1.46 27.93 2.37
CA ARG A 169 1.45 27.71 0.93
C ARG A 169 1.48 26.22 0.60
N PRO A 170 0.62 25.77 -0.32
CA PRO A 170 0.58 24.36 -0.69
C PRO A 170 1.82 23.97 -1.48
N PRO A 171 2.13 22.67 -1.56
CA PRO A 171 3.23 22.24 -2.43
C PRO A 171 2.83 22.33 -3.89
N SER A 172 3.84 22.33 -4.75
CA SER A 172 3.53 22.10 -6.15
C SER A 172 3.02 20.67 -6.34
N PHE A 173 2.35 20.45 -7.47
CA PHE A 173 1.95 19.09 -7.84
C PHE A 173 3.14 18.15 -7.83
N ALA A 174 4.24 18.55 -8.50
CA ALA A 174 5.44 17.70 -8.52
C ALA A 174 5.93 17.37 -7.10
N GLU A 175 5.97 18.36 -6.22
CA GLU A 175 6.47 18.10 -4.86
C GLU A 175 5.54 17.17 -4.13
N TYR A 176 4.23 17.38 -4.29
CA TYR A 176 3.24 16.49 -3.68
C TYR A 176 3.43 15.05 -4.13
N LEU A 177 3.57 14.84 -5.44
CA LEU A 177 3.77 13.49 -5.95
C LEU A 177 5.07 12.88 -5.43
N ASP A 178 6.13 13.70 -5.29
CA ASP A 178 7.37 13.27 -4.66
C ASP A 178 7.14 12.74 -3.25
N ASN A 179 6.05 13.11 -2.60
CA ASN A 179 5.79 12.75 -1.22
C ASN A 179 4.91 11.51 -1.07
N ALA A 180 4.74 10.74 -2.16
CA ALA A 180 3.76 9.66 -2.18
C ALA A 180 4.10 8.47 -1.28
N ASP A 181 5.31 8.41 -0.70
CA ASP A 181 5.59 7.36 0.27
C ASP A 181 4.60 7.34 1.43
N ASN A 182 3.92 8.46 1.70
CA ASN A 182 2.92 8.42 2.76
C ASN A 182 1.72 7.54 2.40
N TYR A 183 1.57 7.17 1.12
CA TYR A 183 0.56 6.20 0.74
C TYR A 183 0.80 4.83 1.38
N GLY A 184 2.04 4.48 1.66
CA GLY A 184 2.37 3.24 2.31
C GLY A 184 2.51 2.04 1.39
N ALA A 185 2.33 2.20 0.08
CA ALA A 185 2.36 1.04 -0.81
C ALA A 185 3.74 0.40 -0.83
N SER A 186 4.81 1.21 -0.89
CA SER A 186 6.16 0.65 -0.90
C SER A 186 6.47 -0.06 0.41
N PHE A 187 6.05 0.53 1.53
CA PHE A 187 6.18 -0.15 2.81
C PHE A 187 5.53 -1.55 2.76
N VAL A 188 4.32 -1.64 2.21
CA VAL A 188 3.63 -2.91 2.13
C VAL A 188 4.38 -3.86 1.20
N ASN A 189 4.75 -3.36 0.00
CA ASN A 189 5.41 -4.22 -0.97
C ASN A 189 6.68 -4.83 -0.38
N VAL A 190 7.53 -3.99 0.23
CA VAL A 190 8.79 -4.47 0.77
C VAL A 190 8.56 -5.47 1.90
N SER A 191 7.60 -5.19 2.80
CA SER A 191 7.21 -6.19 3.80
C SER A 191 6.82 -7.50 3.14
N HIS A 192 5.97 -7.43 2.13
CA HIS A 192 5.57 -8.64 1.39
C HIS A 192 6.78 -9.36 0.81
N TRP A 193 7.66 -8.62 0.11
CA TRP A 193 8.82 -9.25 -0.53
C TRP A 193 9.79 -9.87 0.47
N ILE A 194 9.91 -9.31 1.68
CA ILE A 194 10.81 -9.88 2.67
C ILE A 194 10.39 -11.30 3.05
N VAL A 195 9.09 -11.54 3.20
CA VAL A 195 8.67 -12.88 3.63
C VAL A 195 8.43 -13.84 2.47
N THR A 196 8.21 -13.34 1.26
CA THR A 196 7.93 -14.20 0.12
C THR A 196 9.09 -14.31 -0.86
N GLY A 197 10.10 -13.43 -0.77
CA GLY A 197 11.21 -13.45 -1.72
C GLY A 197 12.34 -14.37 -1.28
N ASP A 198 13.41 -14.40 -2.10
CA ASP A 198 14.58 -15.20 -1.78
C ASP A 198 15.84 -14.36 -1.97
N ALA A 199 16.99 -15.04 -2.06
CA ALA A 199 18.26 -14.34 -2.22
C ALA A 199 18.30 -13.57 -3.54
N GLN A 200 17.58 -14.10 -4.53
CA GLN A 200 17.45 -13.48 -5.83
C GLN A 200 16.70 -12.16 -5.62
N THR A 201 15.60 -12.22 -4.87
CA THR A 201 14.83 -11.01 -4.57
C THR A 201 15.72 -9.95 -3.97
N ARG A 202 16.58 -10.33 -3.02
CA ARG A 202 17.38 -9.34 -2.31
C ARG A 202 18.30 -8.58 -3.27
N SER A 203 19.04 -9.31 -4.11
CA SER A 203 19.97 -8.67 -5.02
C SER A 203 19.27 -7.75 -6.03
N HIS A 204 17.96 -7.88 -6.19
CA HIS A 204 17.23 -6.98 -7.07
C HIS A 204 16.40 -5.96 -6.31
N LEU A 205 16.50 -5.92 -4.99
CA LEU A 205 15.69 -5.01 -4.20
C LEU A 205 15.79 -3.55 -4.62
N PRO A 206 16.98 -2.99 -4.90
CA PRO A 206 17.00 -1.57 -5.28
C PRO A 206 16.14 -1.29 -6.49
N GLU A 207 16.28 -2.07 -7.56
CA GLU A 207 15.44 -1.85 -8.72
C GLU A 207 13.98 -2.13 -8.40
N LEU A 208 13.70 -3.19 -7.64
CA LEU A 208 12.31 -3.49 -7.30
C LEU A 208 11.69 -2.34 -6.53
N ILE A 209 12.47 -1.71 -5.66
CA ILE A 209 11.91 -0.64 -4.85
C ILE A 209 11.71 0.61 -5.69
N ALA A 210 12.59 0.85 -6.67
CA ALA A 210 12.34 1.99 -7.56
C ALA A 210 11.07 1.79 -8.37
N ALA A 211 10.86 0.56 -8.86
CA ALA A 211 9.59 0.26 -9.52
C ALA A 211 8.42 0.39 -8.56
N SER A 212 8.58 -0.08 -7.33
CA SER A 212 7.49 0.07 -6.35
C SER A 212 7.14 1.54 -6.15
N ARG A 213 8.15 2.42 -6.13
CA ARG A 213 7.88 3.84 -5.92
C ARG A 213 7.22 4.48 -7.14
N GLU A 214 7.51 3.97 -8.33
CA GLU A 214 6.80 4.40 -9.54
C GLU A 214 5.33 4.01 -9.50
N VAL A 215 5.02 2.78 -9.07
CA VAL A 215 3.62 2.36 -8.95
C VAL A 215 2.91 3.19 -7.90
N GLN A 216 3.60 3.48 -6.79
CA GLN A 216 3.01 4.28 -5.71
C GLN A 216 2.60 5.66 -6.18
N ARG A 217 3.35 6.27 -7.11
CA ARG A 217 2.93 7.56 -7.64
C ARG A 217 1.65 7.41 -8.45
N ILE A 218 1.56 6.35 -9.25
CA ILE A 218 0.33 6.01 -9.95
C ILE A 218 -0.82 5.83 -8.97
N LEU A 219 -0.58 5.08 -7.88
CA LEU A 219 -1.65 4.83 -6.92
C LEU A 219 -2.12 6.13 -6.26
N ARG A 220 -1.20 7.05 -5.97
CA ARG A 220 -1.58 8.33 -5.37
C ARG A 220 -2.47 9.14 -6.30
N LEU A 221 -2.13 9.17 -7.59
CA LEU A 221 -2.96 9.88 -8.56
C LEU A 221 -4.34 9.26 -8.67
N SER A 222 -4.40 7.93 -8.77
CA SER A 222 -5.68 7.25 -8.91
C SER A 222 -6.51 7.39 -7.63
N ASN A 223 -5.88 7.21 -6.47
CA ASN A 223 -6.54 7.52 -5.20
C ASN A 223 -7.16 8.91 -5.19
N ASP A 224 -6.38 9.94 -5.55
CA ASP A 224 -6.85 11.31 -5.39
C ASP A 224 -8.00 11.63 -6.36
N LEU A 225 -7.92 11.13 -7.58
CA LEU A 225 -9.02 11.29 -8.52
C LEU A 225 -10.31 10.68 -7.97
N ALA A 226 -10.19 9.62 -7.18
CA ALA A 226 -11.36 8.98 -6.60
C ALA A 226 -11.81 9.63 -5.29
N SER A 227 -10.89 10.24 -4.54
CA SER A 227 -11.18 10.75 -3.20
C SER A 227 -11.35 12.26 -3.15
N TYR A 228 -11.54 12.91 -4.30
CA TYR A 228 -11.53 14.37 -4.33
C TYR A 228 -12.59 14.96 -3.41
N GLU A 229 -13.81 14.45 -3.52
CA GLU A 229 -14.93 14.92 -2.70
C GLU A 229 -14.68 14.74 -1.21
N ARG A 230 -14.13 13.59 -0.82
CA ARG A 230 -13.88 13.31 0.55
C ARG A 230 -12.83 14.28 1.04
N ASP A 231 -11.75 14.44 0.27
CA ASP A 231 -10.66 15.30 0.63
C ASP A 231 -11.04 16.77 0.78
N ILE A 232 -11.96 17.20 -0.06
CA ILE A 232 -12.47 18.54 -0.03
C ILE A 232 -13.13 18.70 1.33
N ARG A 233 -13.83 17.66 1.74
CA ARG A 233 -14.55 17.67 2.99
C ARG A 233 -13.73 17.74 4.26
N SER A 234 -12.49 17.29 4.22
CA SER A 234 -11.70 17.29 5.42
C SER A 234 -10.49 18.16 5.35
N GLY A 235 -10.42 19.00 4.35
CA GLY A 235 -9.30 19.87 4.17
C GLY A 235 -8.01 19.13 3.89
N ASP A 236 -8.08 17.86 3.55
CA ASP A 236 -6.91 17.10 3.27
C ASP A 236 -6.44 17.45 1.91
N LEU A 237 -5.15 17.26 1.69
CA LEU A 237 -4.54 17.60 0.45
C LEU A 237 -4.97 16.65 -0.61
N ASN A 238 -5.08 17.12 -1.84
CA ASN A 238 -5.48 16.29 -2.96
C ASN A 238 -4.87 16.85 -4.24
N ALA A 239 -4.35 15.96 -5.10
CA ALA A 239 -3.68 16.39 -6.31
C ALA A 239 -4.54 17.31 -7.17
N LEU A 240 -5.86 17.18 -7.11
CA LEU A 240 -6.69 18.00 -7.99
C LEU A 240 -6.82 19.45 -7.50
N LEU A 241 -6.28 19.76 -6.32
CA LEU A 241 -6.13 21.16 -5.90
C LEU A 241 -4.91 21.82 -6.52
N LEU A 242 -3.97 21.04 -7.04
CA LEU A 242 -2.69 21.56 -7.55
C LEU A 242 -2.61 21.60 -9.06
N VAL A 243 -3.31 20.68 -9.75
CA VAL A 243 -3.53 20.72 -11.19
C VAL A 243 -4.98 20.33 -11.44
N ASP A 244 -5.40 20.43 -12.69
CA ASP A 244 -6.78 20.08 -13.01
C ASP A 244 -6.90 18.60 -13.35
N ARG A 245 -8.14 18.10 -13.22
CA ARG A 245 -8.45 16.70 -13.50
C ARG A 245 -7.87 16.24 -14.83
N GLU A 246 -7.86 17.11 -15.83
CA GLU A 246 -7.32 16.73 -17.13
C GLU A 246 -5.85 16.38 -17.04
N GLU A 247 -5.07 17.17 -16.29
CA GLU A 247 -3.64 16.87 -16.18
C GLU A 247 -3.42 15.62 -15.33
N VAL A 248 -4.17 15.46 -14.24
CA VAL A 248 -4.01 14.27 -13.41
C VAL A 248 -4.32 13.02 -14.22
N SER A 249 -5.41 13.06 -15.00
CA SER A 249 -5.81 11.90 -15.79
C SER A 249 -4.82 11.63 -16.92
N ARG A 250 -4.34 12.66 -17.61
CA ARG A 250 -3.35 12.42 -18.67
C ARG A 250 -2.06 11.89 -18.08
N GLN A 251 -1.66 12.41 -16.93
CA GLN A 251 -0.46 11.94 -16.26
C GLN A 251 -0.63 10.51 -15.74
N LEU A 252 -1.80 10.16 -15.19
CA LEU A 252 -2.05 8.77 -14.82
C LEU A 252 -1.86 7.85 -16.03
N ARG A 253 -2.47 8.21 -17.16
CA ARG A 253 -2.36 7.42 -18.37
C ARG A 253 -0.91 7.22 -18.79
N ASP A 254 -0.13 8.30 -18.78
CA ASP A 254 1.23 8.16 -19.30
C ASP A 254 2.14 7.45 -18.30
N ARG A 255 1.96 7.72 -17.00
CA ARG A 255 2.76 7.04 -15.99
C ARG A 255 2.52 5.54 -16.02
N ILE A 256 1.26 5.13 -16.14
CA ILE A 256 0.93 3.73 -16.28
C ILE A 256 1.69 3.13 -17.47
N ARG A 257 1.66 3.80 -18.62
CA ARG A 257 2.27 3.20 -19.79
C ARG A 257 3.79 3.14 -19.65
N ALA A 258 4.39 4.14 -18.98
CA ALA A 258 5.82 4.09 -18.72
C ALA A 258 6.15 3.00 -17.74
N CYS A 259 5.33 2.84 -16.69
CA CYS A 259 5.62 1.86 -15.64
C CYS A 259 5.57 0.43 -16.20
N GLN A 260 4.62 0.17 -17.07
CA GLN A 260 4.51 -1.15 -17.66
C GLN A 260 5.65 -1.46 -18.61
N ASP A 261 6.19 -0.43 -19.28
CA ASP A 261 7.44 -0.59 -20.03
C ASP A 261 8.59 -1.00 -19.10
N HIS A 262 8.69 -0.39 -17.91
CA HIS A 262 9.73 -0.81 -16.97
C HIS A 262 9.48 -2.22 -16.45
N LEU A 263 8.24 -2.50 -16.07
CA LEU A 263 7.91 -3.86 -15.62
C LEU A 263 8.18 -4.88 -16.72
N HIS A 264 7.95 -4.51 -17.97
CA HIS A 264 8.25 -5.42 -19.07
C HIS A 264 9.73 -5.80 -19.06
N ALA A 265 10.61 -4.82 -18.84
CA ALA A 265 12.04 -5.12 -18.76
C ALA A 265 12.36 -5.90 -17.50
N LEU A 266 11.86 -5.43 -16.39
CA LEU A 266 12.14 -5.98 -15.09
C LEU A 266 11.74 -7.41 -14.88
N GLU A 267 10.70 -7.85 -15.56
CA GLU A 267 10.22 -9.21 -15.41
C GLU A 267 11.15 -10.30 -15.97
N VAL A 268 12.09 -9.89 -16.78
CA VAL A 268 13.03 -10.83 -17.32
C VAL A 268 13.84 -11.33 -16.16
N THR A 269 14.12 -10.49 -15.19
CA THR A 269 14.86 -10.93 -14.04
C THR A 269 14.03 -11.17 -12.80
N CYS A 270 12.96 -10.41 -12.66
CA CYS A 270 12.06 -10.53 -11.52
C CYS A 270 10.65 -10.76 -12.03
N PRO A 271 10.35 -11.99 -12.47
CA PRO A 271 9.04 -12.35 -13.01
C PRO A 271 7.93 -12.20 -11.96
N ARG A 272 8.14 -12.78 -10.78
CA ARG A 272 7.15 -12.70 -9.71
C ARG A 272 7.04 -11.29 -9.15
N GLU A 273 8.17 -10.59 -9.07
CA GLU A 273 8.20 -9.23 -8.56
C GLU A 273 7.45 -8.27 -9.48
N ALA A 274 7.77 -8.31 -10.77
CA ALA A 274 7.13 -7.45 -11.74
C ALA A 274 5.62 -7.68 -11.77
N LEU A 275 5.22 -8.95 -11.79
CA LEU A 275 3.81 -9.31 -11.81
C LEU A 275 3.07 -8.70 -10.62
N TYR A 276 3.65 -8.84 -9.43
CA TYR A 276 3.06 -8.29 -8.23
C TYR A 276 2.76 -6.81 -8.38
N LEU A 277 3.75 -6.06 -8.89
CA LEU A 277 3.60 -4.65 -9.11
C LEU A 277 2.59 -4.31 -10.21
N ALA A 278 2.65 -5.00 -11.32
CA ALA A 278 1.68 -4.76 -12.39
C ALA A 278 0.24 -5.00 -11.93
N ARG A 279 0.01 -6.11 -11.21
CA ARG A 279 -1.32 -6.37 -10.70
C ARG A 279 -1.70 -5.37 -9.62
N GLU A 280 -0.74 -4.91 -8.84
CA GLU A 280 -1.06 -3.88 -7.85
C GLU A 280 -1.52 -2.59 -8.52
N ALA A 281 -0.85 -2.20 -9.59
CA ALA A 281 -1.26 -1.00 -10.32
C ALA A 281 -2.59 -1.23 -11.04
N GLY A 282 -2.74 -2.39 -11.69
CA GLY A 282 -3.99 -2.72 -12.36
C GLY A 282 -5.18 -2.75 -11.42
N PHE A 283 -5.16 -3.64 -10.42
CA PHE A 283 -6.31 -3.76 -9.53
C PHE A 283 -6.66 -2.43 -8.90
N THR A 284 -5.65 -1.73 -8.37
CA THR A 284 -5.97 -0.57 -7.55
C THR A 284 -6.54 0.56 -8.41
N THR A 285 -6.01 0.78 -9.61
CA THR A 285 -6.57 1.84 -10.43
C THR A 285 -7.97 1.47 -10.92
N GLY A 286 -8.22 0.21 -11.26
CA GLY A 286 -9.55 -0.20 -11.67
C GLY A 286 -10.56 -0.09 -10.54
N PHE A 287 -10.18 -0.54 -9.34
CA PHE A 287 -11.09 -0.48 -8.20
C PHE A 287 -11.41 0.94 -7.82
N TYR A 288 -10.39 1.80 -7.74
CA TYR A 288 -10.62 3.21 -7.37
C TYR A 288 -11.45 3.92 -8.42
N HIS A 289 -11.21 3.63 -9.70
CA HIS A 289 -11.97 4.28 -10.75
C HIS A 289 -13.44 3.85 -10.70
N GLY A 290 -13.69 2.56 -10.51
CA GLY A 290 -15.05 2.08 -10.31
C GLY A 290 -15.99 2.38 -11.45
N ALA A 291 -15.55 2.20 -12.70
CA ALA A 291 -16.40 2.41 -13.87
C ALA A 291 -17.39 1.25 -14.11
MG MG B . -1.64 7.68 3.75
MG MG C . -2.88 9.96 6.00
MG MG D . -7.59 9.70 0.68
#